data_4H6W
#
_entry.id   4H6W
#
_cell.length_a   49.700
_cell.length_b   145.930
_cell.length_c   193.499
_cell.angle_alpha   90.000
_cell.angle_beta   90.000
_cell.angle_gamma   90.000
#
_symmetry.space_group_name_H-M   'I 2 2 2'
#
loop_
_entity.id
_entity.type
_entity.pdbx_description
1 polymer 'N-terminal cyanobactin protease'
2 water water
#
_entity_poly.entity_id   1
_entity_poly.type   'polypeptide(L)'
_entity_poly.pdbx_seq_one_letter_code
;GSHMTNIPGLKKLWSETRGDPKICVAVLDGIVDQNHPCFIGADLTRLPSLVSGEANANGSMSTHGTHVASIIFGQHDSPV
TGIAPQCRGLIVPVFADESLKLSQLDLSRAIEQAVNNGANIINVSAGQLTDAGEADTWLEKAIQLCQENNVLLIAATGND
GCECLHVPASLPTVLAVGAMDDQGKPVDFSNWGDAYQKQGILAPGKDILGAKPNGGTIRLSGTSFATPIVSGVAALLLSL
QIKRGEKPDPQKVKNALLASATPCNPKDTDDQSRCLMGKLNILDAIEHLTGETMSEDLELESVEAS
;
_entity_poly.pdbx_strand_id   A,B
#
# COMPACT_ATOMS: atom_id res chain seq x y z
N ILE A 7 18.71 -6.68 13.41
CA ILE A 7 19.48 -6.61 12.12
C ILE A 7 20.91 -7.09 12.29
N PRO A 8 21.24 -8.24 11.67
CA PRO A 8 22.59 -8.80 11.77
C PRO A 8 23.72 -7.84 11.35
N GLY A 9 24.76 -7.77 12.17
CA GLY A 9 25.96 -7.01 11.84
C GLY A 9 25.94 -5.56 12.25
N LEU A 10 24.74 -5.03 12.51
CA LEU A 10 24.58 -3.61 12.86
C LEU A 10 25.36 -3.22 14.12
N LYS A 11 25.25 -4.01 15.19
CA LYS A 11 26.06 -3.80 16.39
C LYS A 11 27.58 -3.87 16.15
N LYS A 12 28.04 -4.88 15.43
CA LYS A 12 29.46 -4.99 15.13
C LYS A 12 29.93 -3.79 14.33
N LEU A 13 29.09 -3.32 13.40
CA LEU A 13 29.42 -2.15 12.61
C LEU A 13 29.49 -0.90 13.48
N TRP A 14 28.47 -0.70 14.30
CA TRP A 14 28.48 0.40 15.31
C TRP A 14 29.71 0.40 16.22
N SER A 15 30.23 -0.76 16.55
CA SER A 15 31.40 -0.85 17.42
C SER A 15 32.62 -0.25 16.73
N GLU A 16 32.58 -0.20 15.39
CA GLU A 16 33.63 0.44 14.60
C GLU A 16 33.34 1.94 14.33
N THR A 17 32.07 2.28 14.08
CA THR A 17 31.70 3.65 13.77
C THR A 17 30.19 3.86 13.87
N ARG A 18 29.76 5.03 14.36
CA ARG A 18 28.35 5.41 14.36
C ARG A 18 28.14 6.62 13.46
N GLY A 19 29.07 6.77 12.51
CA GLY A 19 29.02 7.86 11.58
C GLY A 19 30.20 8.80 11.74
N ASP A 20 30.52 9.49 10.66
CA ASP A 20 31.59 10.45 10.58
C ASP A 20 31.00 11.72 9.98
N PRO A 21 31.16 12.86 10.68
CA PRO A 21 30.67 14.18 10.25
C PRO A 21 31.07 14.53 8.81
N LYS A 22 32.14 13.92 8.31
CA LYS A 22 32.60 14.18 6.95
C LYS A 22 31.68 13.53 5.91
N ILE A 23 30.70 12.77 6.38
CA ILE A 23 29.78 12.06 5.51
C ILE A 23 28.40 12.66 5.65
N CYS A 24 27.86 13.12 4.52
CA CYS A 24 26.60 13.81 4.50
C CYS A 24 25.51 12.99 3.86
N VAL A 25 24.39 12.88 4.56
CA VAL A 25 23.18 12.22 4.06
C VAL A 25 22.06 13.25 3.93
N ALA A 26 21.51 13.40 2.74
CA ALA A 26 20.39 14.32 2.52
C ALA A 26 19.09 13.56 2.58
N VAL A 27 18.10 14.11 3.28
CA VAL A 27 16.78 13.50 3.33
C VAL A 27 15.80 14.36 2.54
N LEU A 28 15.34 13.82 1.40
CA LEU A 28 14.38 14.52 0.55
C LEU A 28 13.00 13.98 0.82
N ASP A 29 12.22 14.76 1.56
CA ASP A 29 10.97 14.32 2.12
C ASP A 29 10.15 15.54 2.56
N GLY A 30 9.25 15.36 3.52
CA GLY A 30 8.53 16.48 4.11
C GLY A 30 9.38 17.20 5.15
N ILE A 31 8.83 18.28 5.70
CA ILE A 31 9.49 19.03 6.77
C ILE A 31 9.65 18.20 8.07
N VAL A 32 10.90 18.18 8.56
CA VAL A 32 11.31 17.45 9.74
C VAL A 32 11.12 18.27 11.01
N ASP A 33 10.61 17.64 12.07
CA ASP A 33 10.46 18.32 13.36
C ASP A 33 11.82 18.37 14.06
N GLN A 34 12.54 19.47 13.91
CA GLN A 34 13.92 19.54 14.43
C GLN A 34 14.01 19.66 15.95
N ASN A 35 12.86 19.86 16.59
CA ASN A 35 12.77 19.98 18.03
C ASN A 35 12.55 18.65 18.73
N HIS A 36 12.43 17.55 17.97
CA HIS A 36 12.29 16.22 18.57
C HIS A 36 13.53 15.78 19.38
N PRO A 37 13.30 15.25 20.59
CA PRO A 37 14.42 14.85 21.45
C PRO A 37 15.45 13.93 20.78
N CYS A 38 15.04 13.20 19.74
CA CYS A 38 15.96 12.29 19.07
C CYS A 38 17.03 13.00 18.21
N PHE A 39 16.85 14.31 17.96
CA PHE A 39 17.83 15.07 17.19
C PHE A 39 18.74 15.91 18.05
N ILE A 40 18.59 15.77 19.37
CA ILE A 40 19.45 16.50 20.31
C ILE A 40 20.89 15.98 20.19
N GLY A 41 21.79 16.80 19.66
CA GLY A 41 23.16 16.37 19.39
C GLY A 41 23.39 16.04 17.93
N ALA A 42 22.32 15.85 17.15
CA ALA A 42 22.40 15.58 15.72
C ALA A 42 22.83 16.83 14.95
N ASP A 43 23.64 16.67 13.91
CA ASP A 43 24.05 17.79 13.06
C ASP A 43 23.15 17.89 11.83
N LEU A 44 22.12 18.72 11.91
CA LEU A 44 21.16 18.84 10.82
C LEU A 44 21.02 20.27 10.34
N THR A 45 20.83 20.41 9.03
CA THR A 45 20.63 21.72 8.41
C THR A 45 19.50 21.58 7.40
N ARG A 46 18.57 22.51 7.41
CA ARG A 46 17.51 22.50 6.45
C ARG A 46 17.84 23.48 5.31
N LEU A 47 17.70 23.04 4.07
CA LEU A 47 17.98 23.94 2.94
C LEU A 47 16.73 24.72 2.55
N PRO A 48 16.91 25.99 2.14
CA PRO A 48 15.85 26.94 1.75
C PRO A 48 14.86 26.42 0.71
N GLY A 59 3.54 23.50 12.81
CA GLY A 59 3.12 24.30 11.65
C GLY A 59 2.90 23.42 10.43
N SER A 60 3.90 23.41 9.54
CA SER A 60 3.85 22.61 8.32
C SER A 60 4.64 21.28 8.46
N MET A 61 4.57 20.67 9.65
CA MET A 61 5.42 19.52 10.03
C MET A 61 4.94 18.17 9.49
N SER A 62 5.87 17.39 8.94
CA SER A 62 5.55 16.09 8.37
C SER A 62 5.91 14.94 9.31
N THR A 63 4.94 14.05 9.54
CA THR A 63 5.15 12.81 10.28
C THR A 63 6.06 11.88 9.50
N HIS A 64 5.78 11.72 8.21
CA HIS A 64 6.59 10.89 7.35
C HIS A 64 8.07 11.30 7.34
N GLY A 65 8.32 12.61 7.20
CA GLY A 65 9.67 13.15 7.09
C GLY A 65 10.43 13.07 8.40
N THR A 66 9.74 13.35 9.51
CA THR A 66 10.34 13.26 10.83
C THR A 66 10.71 11.80 11.13
N HIS A 67 9.79 10.89 10.83
CA HIS A 67 10.02 9.47 11.08
C HIS A 67 11.24 9.00 10.30
N VAL A 68 11.21 9.19 8.98
CA VAL A 68 12.33 8.85 8.10
C VAL A 68 13.68 9.43 8.55
N ALA A 69 13.74 10.72 8.80
CA ALA A 69 14.98 11.32 9.28
C ALA A 69 15.44 10.71 10.62
N SER A 70 14.49 10.36 11.48
CA SER A 70 14.87 9.88 12.79
C SER A 70 15.50 8.51 12.69
N ILE A 71 15.00 7.69 11.74
CA ILE A 71 15.61 6.37 11.44
C ILE A 71 17.12 6.45 11.17
N ILE A 72 17.54 7.51 10.50
CA ILE A 72 18.94 7.71 10.19
C ILE A 72 19.70 8.42 11.31
N PHE A 73 19.14 9.50 11.85
CA PHE A 73 19.89 10.42 12.73
C PHE A 73 19.50 10.39 14.21
N GLY A 74 18.52 9.57 14.58
CA GLY A 74 18.14 9.44 15.99
C GLY A 74 19.38 9.22 16.84
N GLN A 75 19.60 10.10 17.82
CA GLN A 75 20.79 10.00 18.66
C GLN A 75 20.66 8.82 19.61
N HIS A 76 21.74 8.09 19.81
CA HIS A 76 21.69 6.98 20.76
C HIS A 76 21.41 7.47 22.18
N ASP A 77 20.59 6.70 22.89
CA ASP A 77 20.02 7.09 24.19
C ASP A 77 18.77 7.95 24.09
N SER A 78 18.51 8.51 22.90
CA SER A 78 17.23 9.17 22.65
C SER A 78 16.15 8.10 22.42
N PRO A 79 14.89 8.51 22.21
CA PRO A 79 13.88 7.47 22.03
C PRO A 79 13.95 6.72 20.68
N VAL A 80 14.82 7.17 19.77
CA VAL A 80 15.04 6.48 18.50
C VAL A 80 16.53 6.20 18.34
N THR A 81 16.88 4.94 18.10
CA THR A 81 18.24 4.53 17.80
C THR A 81 18.52 4.63 16.28
N GLY A 82 19.03 5.79 15.86
CA GLY A 82 19.35 6.03 14.45
C GLY A 82 20.48 5.13 13.96
N ILE A 83 20.51 4.88 12.65
CA ILE A 83 21.54 4.03 12.06
C ILE A 83 22.88 4.74 12.00
N ALA A 84 22.86 6.04 11.65
CA ALA A 84 24.08 6.82 11.46
C ALA A 84 24.04 8.16 12.21
N PRO A 85 23.99 8.12 13.56
CA PRO A 85 23.76 9.34 14.34
C PRO A 85 24.84 10.42 14.24
N GLN A 86 26.10 10.06 14.02
CA GLN A 86 27.16 11.07 14.02
C GLN A 86 27.44 11.68 12.65
N CYS A 87 26.72 11.22 11.62
CA CYS A 87 26.84 11.79 10.27
C CYS A 87 26.16 13.17 10.12
N ARG A 88 26.66 13.97 9.20
CA ARG A 88 26.03 15.23 8.82
C ARG A 88 24.69 14.95 8.10
N GLY A 89 23.66 15.73 8.39
CA GLY A 89 22.36 15.59 7.71
C GLY A 89 21.85 16.88 7.05
N LEU A 90 21.29 16.75 5.85
CA LEU A 90 20.60 17.85 5.16
C LEU A 90 19.13 17.53 4.93
N ILE A 91 18.25 18.39 5.43
CA ILE A 91 16.84 18.25 5.17
C ILE A 91 16.55 19.11 3.94
N VAL A 92 15.99 18.48 2.92
CA VAL A 92 15.64 19.17 1.69
C VAL A 92 14.21 18.78 1.32
N PRO A 93 13.21 19.52 1.83
CA PRO A 93 11.81 19.09 1.69
C PRO A 93 11.33 19.07 0.23
N VAL A 94 10.67 17.98 -0.17
CA VAL A 94 10.15 17.86 -1.52
C VAL A 94 8.64 17.82 -1.57
N PHE A 95 7.97 17.70 -0.42
CA PHE A 95 6.52 17.94 -0.36
C PHE A 95 6.05 18.75 0.82
N ALA A 96 4.95 19.50 0.61
CA ALA A 96 4.13 20.01 1.71
C ALA A 96 3.32 18.84 2.26
N ASP A 97 2.84 18.97 3.48
CA ASP A 97 2.37 17.80 4.26
C ASP A 97 1.08 17.11 3.74
N GLU A 98 0.61 16.12 4.50
CA GLU A 98 -0.64 15.40 4.25
C GLU A 98 -0.60 14.54 2.99
N SER A 99 -0.76 15.15 1.80
CA SER A 99 -0.55 14.43 0.55
C SER A 99 0.94 14.26 0.35
N LEU A 100 1.35 13.11 -0.16
CA LEU A 100 2.77 12.86 -0.36
C LEU A 100 3.12 12.77 -1.84
N LYS A 101 2.36 13.47 -2.68
CA LYS A 101 2.66 13.42 -4.11
C LYS A 101 3.80 14.35 -4.53
N LEU A 102 4.57 13.85 -5.47
CA LEU A 102 5.88 14.37 -5.77
C LEU A 102 5.91 14.82 -7.22
N SER A 103 6.26 16.08 -7.44
CA SER A 103 6.60 16.54 -8.78
C SER A 103 8.00 16.05 -9.12
N GLN A 104 8.16 15.52 -10.33
CA GLN A 104 9.48 15.10 -10.77
C GLN A 104 10.41 16.29 -10.90
N LEU A 105 9.86 17.42 -11.36
CA LEU A 105 10.64 18.66 -11.49
C LEU A 105 11.21 19.11 -10.15
N ASP A 106 10.36 19.20 -9.13
CA ASP A 106 10.79 19.54 -7.77
C ASP A 106 11.83 18.59 -7.18
N LEU A 107 11.66 17.29 -7.45
CA LEU A 107 12.58 16.30 -6.95
C LEU A 107 13.95 16.48 -7.59
N SER A 108 13.98 16.70 -8.89
CA SER A 108 15.23 16.92 -9.58
C SER A 108 15.91 18.19 -9.05
N ARG A 109 15.12 19.19 -8.65
CA ARG A 109 15.71 20.40 -8.09
C ARG A 109 16.31 20.11 -6.72
N ALA A 110 15.60 19.31 -5.92
CA ALA A 110 16.08 18.97 -4.60
C ALA A 110 17.37 18.14 -4.71
N ILE A 111 17.38 17.16 -5.60
CA ILE A 111 18.60 16.36 -5.80
C ILE A 111 19.76 17.28 -6.18
N GLU A 112 19.52 18.16 -7.16
CA GLU A 112 20.54 19.11 -7.60
C GLU A 112 21.08 19.91 -6.41
N GLN A 113 20.18 20.35 -5.53
CA GLN A 113 20.58 21.13 -4.39
C GLN A 113 21.36 20.29 -3.37
N ALA A 114 20.90 19.06 -3.14
CA ALA A 114 21.59 18.12 -2.26
C ALA A 114 23.01 17.90 -2.74
N VAL A 115 23.20 17.72 -4.04
CA VAL A 115 24.54 17.51 -4.59
C VAL A 115 25.45 18.73 -4.39
N ASN A 116 24.96 19.92 -4.73
CA ASN A 116 25.78 21.14 -4.61
C ASN A 116 26.10 21.50 -3.16
N ASN A 117 25.39 20.93 -2.20
CA ASN A 117 25.66 21.18 -0.79
C ASN A 117 26.48 20.05 -0.13
N GLY A 118 27.02 19.18 -0.96
CA GLY A 118 27.94 18.12 -0.53
C GLY A 118 27.36 16.89 0.12
N ALA A 119 26.15 16.50 -0.28
CA ALA A 119 25.59 15.23 0.18
C ALA A 119 26.34 14.08 -0.50
N ASN A 120 26.64 13.03 0.26
CA ASN A 120 27.26 11.83 -0.31
C ASN A 120 26.23 10.77 -0.65
N ILE A 121 25.19 10.74 0.16
CA ILE A 121 24.06 9.84 -0.02
C ILE A 121 22.78 10.67 -0.07
N ILE A 122 21.90 10.33 -1.00
CA ILE A 122 20.59 10.98 -1.07
C ILE A 122 19.49 9.95 -0.86
N ASN A 123 18.70 10.17 0.19
CA ASN A 123 17.58 9.29 0.54
C ASN A 123 16.22 9.79 0.05
N VAL A 124 15.53 8.97 -0.74
CA VAL A 124 14.22 9.35 -1.27
C VAL A 124 13.19 8.28 -0.90
N SER A 125 12.47 8.53 0.19
CA SER A 125 11.47 7.57 0.69
C SER A 125 10.12 7.79 0.02
N ALA A 126 10.16 8.14 -1.25
CA ALA A 126 8.97 8.41 -2.04
C ALA A 126 9.31 8.05 -3.47
N GLY A 127 8.30 8.11 -4.32
CA GLY A 127 8.50 7.94 -5.72
C GLY A 127 7.20 8.26 -6.40
N GLN A 128 7.20 8.19 -7.71
CA GLN A 128 6.00 8.41 -8.47
C GLN A 128 5.81 7.18 -9.32
N LEU A 129 4.61 6.63 -9.32
CA LEU A 129 4.29 5.46 -10.14
C LEU A 129 4.29 5.82 -11.63
N THR A 130 4.83 4.95 -12.46
CA THR A 130 4.96 5.17 -13.90
C THR A 130 4.52 3.92 -14.65
N ASP A 131 4.20 4.05 -15.95
CA ASP A 131 3.77 2.90 -16.75
C ASP A 131 4.87 1.87 -16.94
N ALA A 132 6.11 2.31 -17.19
CA ALA A 132 7.23 1.38 -17.40
C ALA A 132 8.61 1.92 -16.97
N GLY A 133 8.63 2.84 -15.99
CA GLY A 133 9.89 3.34 -15.45
C GLY A 133 10.43 4.57 -16.15
N GLU A 134 9.65 5.12 -17.07
CA GLU A 134 10.01 6.34 -17.80
C GLU A 134 10.04 7.55 -16.86
N ALA A 135 10.92 8.51 -17.15
CA ALA A 135 11.10 9.68 -16.30
C ALA A 135 11.29 10.96 -17.10
N ASP A 136 10.68 12.02 -16.58
CA ASP A 136 10.99 13.41 -16.89
C ASP A 136 12.49 13.60 -17.10
N THR A 137 12.89 14.26 -18.18
CA THR A 137 14.31 14.34 -18.50
C THR A 137 15.14 15.11 -17.47
N TRP A 138 14.52 16.04 -16.74
CA TRP A 138 15.22 16.77 -15.68
C TRP A 138 15.56 15.86 -14.50
N LEU A 139 14.68 14.90 -14.23
CA LEU A 139 14.98 13.88 -13.24
C LEU A 139 16.15 13.02 -13.70
N GLU A 140 16.12 12.58 -14.96
CA GLU A 140 17.21 11.78 -15.53
C GLU A 140 18.57 12.46 -15.41
N LYS A 141 18.59 13.78 -15.69
CA LYS A 141 19.76 14.64 -15.53
C LYS A 141 20.24 14.78 -14.09
N ALA A 142 19.29 14.82 -13.16
CA ALA A 142 19.62 14.85 -11.73
C ALA A 142 20.41 13.59 -11.31
N ILE A 143 19.94 12.44 -11.78
CA ILE A 143 20.62 11.17 -11.55
C ILE A 143 21.99 11.15 -12.26
N GLN A 144 22.04 11.75 -13.45
CA GLN A 144 23.31 11.92 -14.16
C GLN A 144 24.29 12.78 -13.37
N LEU A 145 23.78 13.86 -12.76
CA LEU A 145 24.59 14.72 -11.92
C LEU A 145 25.22 13.93 -10.76
N CYS A 146 24.42 13.05 -10.14
CA CYS A 146 24.90 12.19 -9.06
C CYS A 146 26.00 11.23 -9.52
N GLN A 147 25.81 10.63 -10.70
CA GLN A 147 26.81 9.74 -11.28
C GLN A 147 28.13 10.47 -11.45
N GLU A 148 28.06 11.70 -11.97
CA GLU A 148 29.26 12.50 -12.23
C GLU A 148 29.98 12.95 -10.98
N ASN A 149 29.27 13.06 -9.87
CA ASN A 149 29.86 13.59 -8.64
C ASN A 149 30.03 12.52 -7.56
N ASN A 150 29.82 11.27 -7.96
CA ASN A 150 29.85 10.11 -7.06
C ASN A 150 28.98 10.29 -5.81
N VAL A 151 27.71 10.63 -6.04
CA VAL A 151 26.70 10.68 -4.97
C VAL A 151 25.77 9.49 -5.19
N LEU A 152 25.51 8.73 -4.12
CA LEU A 152 24.58 7.59 -4.19
C LEU A 152 23.13 7.96 -3.86
N LEU A 153 22.23 7.77 -4.82
CA LEU A 153 20.81 7.99 -4.59
C LEU A 153 20.13 6.67 -4.26
N ILE A 154 19.39 6.66 -3.15
CA ILE A 154 18.77 5.45 -2.61
C ILE A 154 17.27 5.72 -2.47
N ALA A 155 16.45 4.92 -3.12
CA ALA A 155 15.04 5.24 -3.17
C ALA A 155 14.15 4.02 -2.94
N ALA A 156 12.99 4.29 -2.34
CA ALA A 156 11.93 3.29 -2.12
C ALA A 156 11.33 2.73 -3.41
N THR A 157 11.19 1.41 -3.47
CA THR A 157 10.55 0.76 -4.63
C THR A 157 9.03 1.05 -4.72
N GLY A 158 8.40 1.30 -3.57
CA GLY A 158 6.98 1.62 -3.55
C GLY A 158 6.11 0.53 -2.94
N ASN A 159 4.88 0.89 -2.60
CA ASN A 159 4.01 0.07 -1.77
C ASN A 159 2.70 -0.30 -2.45
N ASP A 160 2.76 -0.50 -3.76
CA ASP A 160 1.58 -0.77 -4.58
C ASP A 160 1.28 -2.26 -4.63
N GLY A 161 2.17 -3.07 -4.08
CA GLY A 161 1.96 -4.52 -4.01
C GLY A 161 1.82 -5.16 -5.37
N CYS A 162 2.57 -4.65 -6.34
CA CYS A 162 2.50 -5.16 -7.71
C CYS A 162 3.84 -5.06 -8.41
N GLU A 163 3.92 -5.68 -9.59
CA GLU A 163 5.11 -5.63 -10.43
C GLU A 163 5.07 -4.30 -11.15
N CYS A 164 5.55 -3.29 -10.45
CA CYS A 164 5.27 -1.91 -10.74
C CYS A 164 6.51 -1.09 -10.47
N LEU A 165 6.70 -0.02 -11.23
CA LEU A 165 7.91 0.78 -11.10
C LEU A 165 7.67 2.21 -10.64
N HIS A 166 8.48 2.67 -9.67
CA HIS A 166 8.51 4.07 -9.26
C HIS A 166 9.78 4.73 -9.76
N VAL A 167 9.69 6.03 -10.00
CA VAL A 167 10.89 6.83 -10.18
C VAL A 167 11.09 7.63 -8.90
N PRO A 168 12.35 7.83 -8.49
CA PRO A 168 13.57 7.48 -9.21
C PRO A 168 14.12 6.08 -8.96
N ALA A 169 13.44 5.28 -8.14
CA ALA A 169 14.01 3.98 -7.76
C ALA A 169 14.35 3.09 -8.96
N SER A 170 13.64 3.24 -10.08
CA SER A 170 13.80 2.35 -11.23
C SER A 170 14.85 2.82 -12.24
N LEU A 171 15.38 4.01 -11.99
CA LEU A 171 16.36 4.64 -12.87
C LEU A 171 17.77 4.08 -12.68
N PRO A 172 18.52 3.94 -13.79
CA PRO A 172 19.89 3.40 -13.74
C PRO A 172 20.80 4.15 -12.77
N THR A 173 21.64 3.38 -12.07
CA THR A 173 22.61 3.86 -11.07
C THR A 173 21.99 4.18 -9.69
N VAL A 174 20.66 4.10 -9.60
CA VAL A 174 19.99 4.27 -8.32
C VAL A 174 19.99 2.96 -7.55
N LEU A 175 20.09 3.07 -6.23
CA LEU A 175 19.91 1.89 -5.38
C LEU A 175 18.44 1.84 -4.92
N ALA A 176 17.74 0.79 -5.33
CA ALA A 176 16.33 0.63 -5.01
C ALA A 176 16.20 -0.23 -3.75
N VAL A 177 15.19 0.05 -2.92
CA VAL A 177 15.03 -0.65 -1.65
C VAL A 177 13.57 -1.07 -1.39
N GLY A 178 13.35 -2.39 -1.30
CA GLY A 178 12.05 -2.94 -0.93
C GLY A 178 12.02 -3.31 0.55
N ALA A 179 10.87 -3.82 0.98
CA ALA A 179 10.66 -4.16 2.40
C ALA A 179 10.52 -5.65 2.70
N MET A 180 11.12 -6.07 3.80
CA MET A 180 11.01 -7.44 4.31
C MET A 180 10.55 -7.37 5.76
N ASP A 181 9.98 -8.46 6.26
CA ASP A 181 9.64 -8.51 7.68
C ASP A 181 10.82 -8.97 8.51
N ASP A 182 10.55 -9.42 9.72
CA ASP A 182 11.59 -9.83 10.65
C ASP A 182 12.10 -11.24 10.38
N GLN A 183 11.26 -12.09 9.79
CA GLN A 183 11.65 -13.45 9.37
C GLN A 183 12.48 -13.44 8.08
N GLY A 184 12.76 -12.24 7.56
CA GLY A 184 13.51 -12.08 6.33
C GLY A 184 12.71 -12.44 5.10
N LYS A 185 11.38 -12.31 5.17
CA LYS A 185 10.58 -12.60 3.99
C LYS A 185 9.93 -11.34 3.43
N PRO A 186 9.78 -11.27 2.09
CA PRO A 186 9.24 -10.05 1.48
C PRO A 186 7.77 -9.85 1.86
N VAL A 187 7.38 -8.61 2.01
CA VAL A 187 6.03 -8.27 2.40
C VAL A 187 5.18 -8.10 1.14
N ASP A 188 3.86 -8.22 1.27
CA ASP A 188 2.97 -8.13 0.12
C ASP A 188 3.05 -6.79 -0.61
N PHE A 189 3.11 -5.69 0.15
CA PHE A 189 2.98 -4.36 -0.43
C PHE A 189 4.18 -3.90 -1.26
N SER A 190 5.35 -4.49 -1.03
CA SER A 190 6.62 -4.04 -1.62
C SER A 190 6.67 -4.27 -3.13
N ASN A 191 6.85 -3.20 -3.92
CA ASN A 191 6.89 -3.36 -5.39
C ASN A 191 8.08 -4.19 -5.83
N TRP A 192 7.88 -4.92 -6.92
CA TRP A 192 8.95 -5.68 -7.52
C TRP A 192 8.87 -5.44 -9.04
N GLY A 193 9.76 -6.05 -9.81
CA GLY A 193 9.89 -5.69 -11.23
C GLY A 193 11.31 -5.88 -11.68
N ASP A 194 11.52 -5.94 -12.99
CA ASP A 194 12.83 -6.29 -13.52
C ASP A 194 13.90 -5.22 -13.29
N ALA A 195 13.53 -3.94 -13.47
CA ALA A 195 14.44 -2.84 -13.12
C ALA A 195 14.91 -2.99 -11.67
N TYR A 196 14.01 -3.38 -10.77
CA TYR A 196 14.36 -3.65 -9.38
C TYR A 196 15.20 -4.94 -9.16
N GLN A 197 15.09 -5.93 -10.04
CA GLN A 197 15.94 -7.14 -9.95
C GLN A 197 17.39 -6.73 -10.14
N LYS A 198 17.58 -5.71 -10.97
CA LYS A 198 18.90 -5.23 -11.31
C LYS A 198 19.60 -4.48 -10.19
N GLN A 199 18.83 -3.81 -9.34
CA GLN A 199 19.45 -2.79 -8.48
C GLN A 199 18.78 -2.62 -7.12
N GLY A 200 17.99 -3.58 -6.70
CA GLY A 200 17.25 -3.42 -5.47
C GLY A 200 17.64 -4.46 -4.46
N ILE A 201 17.57 -4.09 -3.18
CA ILE A 201 17.68 -5.02 -2.07
C ILE A 201 16.49 -4.86 -1.12
N LEU A 202 16.24 -5.89 -0.32
CA LEU A 202 15.26 -5.81 0.77
C LEU A 202 15.93 -5.41 2.07
N ALA A 203 15.32 -4.42 2.75
CA ALA A 203 15.70 -4.03 4.11
C ALA A 203 14.46 -4.02 5.04
N PRO A 204 14.68 -4.13 6.37
CA PRO A 204 13.52 -4.17 7.28
C PRO A 204 12.56 -3.01 7.02
N GLY A 205 11.27 -3.33 6.88
CA GLY A 205 10.29 -2.31 6.57
C GLY A 205 8.93 -2.55 7.21
N LYS A 206 8.93 -3.38 8.23
CA LYS A 206 7.72 -3.67 8.99
C LYS A 206 7.89 -3.14 10.41
N ASP A 207 6.97 -2.28 10.85
CA ASP A 207 6.94 -1.77 12.23
C ASP A 207 8.27 -1.15 12.69
N ILE A 208 8.82 -0.28 11.85
CA ILE A 208 10.05 0.42 12.18
C ILE A 208 9.71 1.59 13.10
N LEU A 209 10.40 1.64 14.24
CA LEU A 209 10.29 2.76 15.17
C LEU A 209 10.91 4.03 14.58
N GLY A 210 10.22 5.15 14.76
CA GLY A 210 10.79 6.45 14.42
C GLY A 210 10.02 7.55 15.08
N ALA A 211 10.51 8.77 14.94
CA ALA A 211 9.96 9.92 15.64
C ALA A 211 8.66 10.40 15.01
N LYS A 212 7.80 10.97 15.87
CA LYS A 212 6.52 11.54 15.51
C LYS A 212 6.62 13.04 15.86
N PRO A 213 6.13 13.94 14.98
CA PRO A 213 6.27 15.37 15.28
C PRO A 213 5.53 15.74 16.58
N ASN A 214 6.17 16.61 17.38
CA ASN A 214 5.71 16.98 18.73
C ASN A 214 6.25 16.10 19.86
N GLY A 215 6.70 14.90 19.53
CA GLY A 215 7.58 14.19 20.46
C GLY A 215 7.33 12.76 20.90
N GLY A 216 6.38 12.06 20.31
CA GLY A 216 6.33 10.63 20.62
C GLY A 216 7.21 9.82 19.69
N THR A 217 7.02 8.50 19.69
CA THR A 217 7.55 7.63 18.63
C THR A 217 6.43 6.74 18.15
N ILE A 218 6.54 6.29 16.90
CA ILE A 218 5.51 5.45 16.33
C ILE A 218 6.21 4.38 15.49
N ARG A 219 5.62 3.20 15.44
CA ARG A 219 6.10 2.14 14.56
C ARG A 219 5.27 2.22 13.29
N LEU A 220 5.94 2.27 12.13
CA LEU A 220 5.28 2.32 10.82
C LEU A 220 5.84 1.28 9.85
N SER A 221 5.04 0.90 8.86
CA SER A 221 5.46 -0.08 7.86
C SER A 221 5.43 0.51 6.45
N GLY A 222 6.41 0.12 5.63
CA GLY A 222 6.48 0.51 4.23
C GLY A 222 7.91 0.56 3.72
N THR A 223 8.06 0.72 2.40
CA THR A 223 9.38 0.88 1.77
C THR A 223 9.98 2.23 2.15
N SER A 224 9.12 3.17 2.51
CA SER A 224 9.53 4.49 3.04
C SER A 224 10.46 4.39 4.24
N PHE A 225 10.41 3.28 4.96
CA PHE A 225 11.11 3.11 6.24
C PHE A 225 12.23 2.09 6.13
N ALA A 226 12.16 1.26 5.08
CA ALA A 226 13.26 0.40 4.72
C ALA A 226 14.40 1.22 4.11
N THR A 227 14.02 2.15 3.25
CA THR A 227 14.97 2.95 2.49
C THR A 227 15.95 3.73 3.36
N PRO A 228 15.46 4.40 4.42
CA PRO A 228 16.39 5.12 5.30
C PRO A 228 17.34 4.21 6.08
N ILE A 229 17.01 2.93 6.20
CA ILE A 229 17.91 2.00 6.88
C ILE A 229 19.13 1.71 6.01
N VAL A 230 18.89 1.52 4.71
CA VAL A 230 19.97 1.28 3.76
C VAL A 230 20.82 2.55 3.63
N SER A 231 20.15 3.71 3.62
CA SER A 231 20.87 4.98 3.59
C SER A 231 21.84 5.09 4.75
N GLY A 232 21.36 4.78 5.96
CA GLY A 232 22.18 4.81 7.16
C GLY A 232 23.35 3.86 7.10
N VAL A 233 23.07 2.62 6.69
CA VAL A 233 24.13 1.64 6.55
C VAL A 233 25.16 2.13 5.53
N ALA A 234 24.70 2.62 4.38
CA ALA A 234 25.64 3.15 3.38
C ALA A 234 26.50 4.25 3.98
N ALA A 235 25.91 5.11 4.82
CA ALA A 235 26.71 6.14 5.49
C ALA A 235 27.72 5.51 6.47
N LEU A 236 27.28 4.50 7.22
CA LEU A 236 28.21 3.80 8.12
C LEU A 236 29.38 3.24 7.34
N LEU A 237 29.08 2.70 6.16
CA LEU A 237 30.11 2.07 5.37
C LEU A 237 31.10 3.09 4.80
N LEU A 238 30.59 4.27 4.44
CA LEU A 238 31.47 5.35 3.99
C LEU A 238 32.35 5.85 5.13
N SER A 239 31.80 5.91 6.35
CA SER A 239 32.56 6.36 7.53
C SER A 239 33.66 5.35 7.84
N LEU A 240 33.35 4.06 7.62
CA LEU A 240 34.28 2.97 7.86
C LEU A 240 35.49 3.03 6.90
N GLN A 241 35.25 3.43 5.66
CA GLN A 241 36.32 3.67 4.70
C GLN A 241 37.25 4.79 5.17
N ILE A 242 36.68 5.89 5.68
CA ILE A 242 37.50 6.98 6.23
C ILE A 242 38.34 6.44 7.38
N LYS A 243 37.70 5.73 8.30
CA LYS A 243 38.37 5.14 9.45
C LYS A 243 39.61 4.32 9.04
N ARG A 244 39.50 3.66 7.89
CA ARG A 244 40.58 2.81 7.41
C ARG A 244 41.56 3.51 6.48
N GLY A 245 41.43 4.83 6.34
CA GLY A 245 42.31 5.59 5.47
C GLY A 245 42.04 5.36 3.99
N GLU A 246 40.87 4.82 3.68
CA GLU A 246 40.43 4.66 2.29
C GLU A 246 39.56 5.86 1.89
N LYS A 247 39.51 6.21 0.60
CA LYS A 247 38.60 7.28 0.16
C LYS A 247 37.14 6.81 0.21
N PRO A 248 36.26 7.62 0.82
CA PRO A 248 34.85 7.24 0.81
C PRO A 248 34.34 7.19 -0.64
N ASP A 249 33.80 6.05 -1.06
CA ASP A 249 33.35 5.88 -2.44
C ASP A 249 31.91 5.33 -2.53
N PRO A 250 30.92 6.24 -2.64
CA PRO A 250 29.50 5.80 -2.59
C PRO A 250 29.07 4.87 -3.71
N GLN A 251 29.69 4.97 -4.88
CA GLN A 251 29.42 4.02 -5.95
C GLN A 251 30.00 2.62 -5.64
N LYS A 252 31.16 2.57 -4.97
CA LYS A 252 31.70 1.30 -4.44
C LYS A 252 30.75 0.74 -3.40
N VAL A 253 30.18 1.62 -2.59
CA VAL A 253 29.31 1.16 -1.51
C VAL A 253 28.02 0.56 -2.07
N LYS A 254 27.44 1.20 -3.09
CA LYS A 254 26.25 0.65 -3.76
C LYS A 254 26.46 -0.82 -4.19
N ASN A 255 27.55 -1.08 -4.90
CA ASN A 255 27.79 -2.42 -5.44
C ASN A 255 28.12 -3.45 -4.37
N ALA A 256 28.81 -3.03 -3.32
CA ALA A 256 29.05 -3.88 -2.16
C ALA A 256 27.73 -4.29 -1.52
N LEU A 257 26.86 -3.31 -1.29
CA LEU A 257 25.50 -3.58 -0.77
C LEU A 257 24.73 -4.53 -1.66
N LEU A 258 24.79 -4.33 -2.98
CA LEU A 258 24.09 -5.23 -3.91
C LEU A 258 24.72 -6.62 -3.98
N ALA A 259 26.05 -6.67 -4.07
CA ALA A 259 26.81 -7.91 -4.20
C ALA A 259 26.73 -8.78 -2.94
N SER A 260 26.53 -8.15 -1.79
CA SER A 260 26.42 -8.85 -0.54
C SER A 260 24.97 -9.25 -0.16
N ALA A 261 23.98 -8.86 -0.97
CA ALA A 261 22.60 -9.21 -0.62
C ALA A 261 22.39 -10.75 -0.60
N THR A 262 21.78 -11.30 0.45
CA THR A 262 21.56 -12.75 0.51
C THR A 262 20.24 -13.14 -0.14
N PRO A 263 20.29 -13.97 -1.20
CA PRO A 263 19.08 -14.43 -1.90
C PRO A 263 18.11 -15.15 -0.98
N CYS A 264 16.83 -15.09 -1.31
CA CYS A 264 15.80 -15.82 -0.58
C CYS A 264 15.67 -17.26 -1.08
N ASN A 265 15.61 -18.21 -0.15
CA ASN A 265 15.31 -19.62 -0.45
C ASN A 265 13.78 -19.87 -0.45
N PRO A 266 13.33 -21.05 -0.94
CA PRO A 266 11.87 -21.26 -1.11
C PRO A 266 11.04 -21.27 0.20
N LYS A 267 11.69 -21.27 1.35
CA LYS A 267 10.98 -21.12 2.62
C LYS A 267 10.81 -19.64 3.02
N ASP A 268 10.92 -18.74 2.03
CA ASP A 268 10.74 -17.30 2.22
C ASP A 268 9.53 -16.78 1.47
N THR A 269 9.47 -17.10 0.19
CA THR A 269 8.37 -16.70 -0.68
C THR A 269 8.12 -17.80 -1.72
N ASP A 270 6.98 -17.70 -2.40
CA ASP A 270 6.72 -18.54 -3.56
C ASP A 270 7.46 -17.95 -4.76
N ASP A 271 7.30 -16.64 -4.95
CA ASP A 271 7.95 -15.90 -6.02
C ASP A 271 9.31 -15.37 -5.54
N GLN A 272 10.38 -15.98 -6.04
CA GLN A 272 11.75 -15.59 -5.67
C GLN A 272 12.16 -14.23 -6.24
N SER A 273 11.36 -13.67 -7.15
CA SER A 273 11.64 -12.36 -7.73
C SER A 273 11.11 -11.21 -6.88
N ARG A 274 10.27 -11.52 -5.91
CA ARG A 274 9.81 -10.51 -4.96
C ARG A 274 10.93 -10.08 -3.99
N CYS A 275 12.01 -10.86 -3.98
CA CYS A 275 13.19 -10.56 -3.16
C CYS A 275 14.23 -9.66 -3.84
N LEU A 276 14.00 -9.32 -5.11
CA LEU A 276 14.93 -8.46 -5.83
C LEU A 276 16.31 -9.13 -5.90
N MET A 277 17.38 -8.35 -5.73
CA MET A 277 18.72 -8.93 -5.68
C MET A 277 18.94 -9.68 -4.36
N GLY A 278 18.08 -9.44 -3.37
CA GLY A 278 18.18 -10.13 -2.10
C GLY A 278 18.05 -9.28 -0.85
N LYS A 279 18.44 -9.85 0.29
CA LYS A 279 18.30 -9.22 1.61
C LYS A 279 19.55 -8.50 2.04
N LEU A 280 19.37 -7.30 2.62
CA LEU A 280 20.46 -6.54 3.21
C LEU A 280 21.31 -7.41 4.13
N ASN A 281 22.62 -7.39 3.90
CA ASN A 281 23.55 -8.22 4.65
C ASN A 281 24.79 -7.42 4.97
N ILE A 282 24.78 -6.82 6.15
CA ILE A 282 25.80 -5.85 6.56
C ILE A 282 27.21 -6.45 6.61
N LEU A 283 27.34 -7.62 7.24
CA LEU A 283 28.66 -8.25 7.45
C LEU A 283 29.35 -8.55 6.14
N ASP A 284 28.59 -9.13 5.21
CA ASP A 284 29.07 -9.40 3.87
C ASP A 284 29.31 -8.14 3.05
N ALA A 285 28.49 -7.10 3.24
CA ALA A 285 28.74 -5.78 2.64
C ALA A 285 30.10 -5.20 3.02
N ILE A 286 30.42 -5.26 4.32
CA ILE A 286 31.75 -4.87 4.81
C ILE A 286 32.84 -5.67 4.09
N GLU A 287 32.66 -7.00 4.05
CA GLU A 287 33.62 -7.91 3.45
C GLU A 287 33.86 -7.55 1.98
N HIS A 288 32.78 -7.37 1.21
CA HIS A 288 32.89 -6.98 -0.18
C HIS A 288 33.53 -5.61 -0.43
N LEU A 289 33.31 -4.67 0.48
CA LEU A 289 33.80 -3.32 0.32
C LEU A 289 35.25 -3.17 0.76
N THR A 290 35.54 -3.70 1.94
CA THR A 290 36.89 -3.62 2.49
C THR A 290 37.53 -4.99 2.34
N GLY A 291 38.66 -5.22 2.97
CA GLY A 291 39.09 -6.60 2.99
C GLY A 291 38.34 -7.47 3.99
N GLU A 292 37.82 -6.85 5.05
CA GLU A 292 37.64 -7.49 6.37
C GLU A 292 36.48 -8.45 6.51
N THR A 293 36.69 -9.45 7.38
CA THR A 293 35.64 -10.40 7.79
C THR A 293 35.31 -10.22 9.27
N ILE B 7 -19.42 -10.95 -17.41
CA ILE B 7 -20.26 -11.39 -16.26
C ILE B 7 -21.72 -11.46 -16.68
N PRO B 8 -22.30 -12.68 -16.68
CA PRO B 8 -23.69 -12.86 -17.12
C PRO B 8 -24.63 -12.02 -16.29
N GLY B 9 -25.52 -11.28 -16.94
CA GLY B 9 -26.51 -10.45 -16.25
C GLY B 9 -26.16 -8.97 -16.19
N LEU B 10 -24.86 -8.66 -16.21
CA LEU B 10 -24.39 -7.29 -16.12
C LEU B 10 -24.83 -6.45 -17.33
N LYS B 11 -24.71 -7.03 -18.52
CA LYS B 11 -25.20 -6.42 -19.75
C LYS B 11 -26.71 -6.13 -19.69
N LYS B 12 -27.49 -7.11 -19.22
CA LYS B 12 -28.94 -6.91 -19.05
C LYS B 12 -29.24 -5.84 -17.99
N LEU B 13 -28.56 -5.93 -16.85
CA LEU B 13 -28.75 -4.97 -15.76
C LEU B 13 -28.43 -3.52 -16.16
N TRP B 14 -27.30 -3.32 -16.84
CA TRP B 14 -26.91 -1.99 -17.32
C TRP B 14 -27.93 -1.37 -18.27
N SER B 15 -28.61 -2.20 -19.06
CA SER B 15 -29.66 -1.71 -19.95
C SER B 15 -30.81 -1.09 -19.16
N GLU B 16 -31.08 -1.62 -17.97
CA GLU B 16 -32.00 -0.99 -17.02
C GLU B 16 -31.41 0.28 -16.39
N THR B 17 -30.18 0.19 -15.89
CA THR B 17 -29.59 1.26 -15.07
C THR B 17 -28.06 1.18 -14.95
N ARG B 18 -27.41 2.34 -14.99
CA ARG B 18 -25.98 2.45 -14.71
C ARG B 18 -25.72 3.12 -13.36
N GLY B 19 -26.75 3.17 -12.52
CA GLY B 19 -26.66 3.77 -11.21
C GLY B 19 -27.60 4.96 -11.00
N ASP B 20 -27.96 5.20 -9.75
CA ASP B 20 -28.82 6.30 -9.38
C ASP B 20 -28.10 7.13 -8.29
N PRO B 21 -27.94 8.45 -8.54
CA PRO B 21 -27.27 9.35 -7.58
C PRO B 21 -27.86 9.29 -6.17
N LYS B 22 -29.13 8.92 -6.05
CA LYS B 22 -29.80 8.72 -4.76
C LYS B 22 -29.16 7.57 -3.96
N ILE B 23 -28.41 6.72 -4.66
CA ILE B 23 -27.73 5.59 -4.02
C ILE B 23 -26.26 5.93 -3.82
N CYS B 24 -25.78 5.73 -2.60
CA CYS B 24 -24.43 6.09 -2.24
C CYS B 24 -23.61 4.87 -1.78
N VAL B 25 -22.39 4.74 -2.31
CA VAL B 25 -21.47 3.67 -1.93
C VAL B 25 -20.17 4.24 -1.38
N ALA B 26 -19.85 3.86 -0.15
CA ALA B 26 -18.63 4.30 0.49
C ALA B 26 -17.54 3.26 0.25
N VAL B 27 -16.39 3.75 -0.18
CA VAL B 27 -15.20 2.94 -0.30
C VAL B 27 -14.29 3.31 0.87
N LEU B 28 -14.01 2.33 1.71
CA LEU B 28 -13.15 2.53 2.86
C LEU B 28 -11.87 1.79 2.57
N ASP B 29 -10.81 2.54 2.30
CA ASP B 29 -9.60 1.98 1.72
C ASP B 29 -8.50 3.03 1.84
N GLY B 30 -7.44 2.88 1.04
CA GLY B 30 -6.45 3.94 0.89
C GLY B 30 -7.02 5.12 0.11
N ILE B 31 -6.23 6.19 0.01
CA ILE B 31 -6.63 7.40 -0.69
C ILE B 31 -6.68 7.19 -2.20
N VAL B 32 -7.81 7.58 -2.79
CA VAL B 32 -8.08 7.40 -4.21
C VAL B 32 -7.42 8.53 -5.00
N ASP B 33 -6.94 8.23 -6.19
CA ASP B 33 -6.45 9.28 -7.09
C ASP B 33 -7.65 9.86 -7.81
N GLN B 34 -8.13 11.01 -7.34
CA GLN B 34 -9.35 11.54 -7.92
C GLN B 34 -9.16 12.19 -9.29
N ASN B 35 -7.90 12.35 -9.68
CA ASN B 35 -7.53 12.94 -10.97
C ASN B 35 -7.39 11.93 -12.10
N HIS B 36 -7.57 10.64 -11.79
CA HIS B 36 -7.49 9.60 -12.82
C HIS B 36 -8.60 9.76 -13.86
N PRO B 37 -8.28 9.56 -15.15
CA PRO B 37 -9.29 9.80 -16.20
C PRO B 37 -10.61 9.02 -16.05
N CYS B 38 -10.59 7.88 -15.35
CA CYS B 38 -11.79 7.05 -15.21
C CYS B 38 -12.84 7.62 -14.26
N PHE B 39 -12.47 8.66 -13.52
CA PHE B 39 -13.39 9.32 -12.60
C PHE B 39 -13.94 10.63 -13.13
N ILE B 40 -13.56 11.01 -14.33
CA ILE B 40 -14.11 12.20 -14.98
C ILE B 40 -15.58 11.94 -15.26
N GLY B 41 -16.46 12.66 -14.58
CA GLY B 41 -17.88 12.46 -14.68
C GLY B 41 -18.46 11.86 -13.41
N ALA B 42 -17.62 11.18 -12.62
CA ALA B 42 -18.05 10.52 -11.38
C ALA B 42 -18.40 11.49 -10.25
N ASP B 43 -19.32 11.08 -9.37
CA ASP B 43 -19.70 11.92 -8.22
C ASP B 43 -19.09 11.41 -6.91
N LEU B 44 -17.83 11.78 -6.71
CA LEU B 44 -17.00 11.32 -5.59
C LEU B 44 -16.72 12.43 -4.59
N THR B 45 -16.88 12.11 -3.31
CA THR B 45 -16.52 13.01 -2.23
C THR B 45 -15.63 12.25 -1.26
N ARG B 46 -14.54 12.89 -0.88
CA ARG B 46 -13.60 12.34 0.09
C ARG B 46 -13.90 12.88 1.49
N LEU B 47 -13.85 12.01 2.49
CA LEU B 47 -14.12 12.41 3.86
C LEU B 47 -12.82 12.55 4.61
N PRO B 48 -12.79 13.42 5.63
CA PRO B 48 -11.61 13.54 6.50
C PRO B 48 -11.21 12.21 7.13
N SER B 49 -9.90 11.97 7.15
CA SER B 49 -9.32 10.73 7.66
C SER B 49 -9.62 10.51 9.14
N SER B 60 -1.21 10.11 0.81
CA SER B 60 -0.46 9.21 -0.05
C SER B 60 -1.37 8.40 -0.96
N MET B 61 -1.02 8.38 -2.25
CA MET B 61 -1.85 7.74 -3.27
C MET B 61 -1.77 6.22 -3.20
N SER B 62 -2.94 5.58 -3.06
CA SER B 62 -3.00 4.14 -2.97
C SER B 62 -3.43 3.52 -4.29
N THR B 63 -2.63 2.56 -4.78
CA THR B 63 -3.06 1.70 -5.88
C THR B 63 -4.26 0.84 -5.50
N HIS B 64 -4.20 0.18 -4.35
CA HIS B 64 -5.32 -0.60 -3.86
C HIS B 64 -6.61 0.21 -3.89
N GLY B 65 -6.57 1.40 -3.26
CA GLY B 65 -7.76 2.24 -3.09
C GLY B 65 -8.32 2.75 -4.40
N THR B 66 -7.43 3.26 -5.25
CA THR B 66 -7.77 3.79 -6.58
C THR B 66 -8.36 2.69 -7.46
N HIS B 67 -7.78 1.49 -7.37
CA HIS B 67 -8.19 0.34 -8.17
C HIS B 67 -9.57 -0.15 -7.72
N VAL B 68 -9.72 -0.38 -6.41
CA VAL B 68 -11.02 -0.75 -5.83
C VAL B 68 -12.11 0.24 -6.23
N ALA B 69 -11.82 1.54 -6.10
CA ALA B 69 -12.79 2.57 -6.41
C ALA B 69 -13.14 2.58 -7.88
N SER B 70 -12.16 2.32 -8.75
CA SER B 70 -12.42 2.40 -10.20
C SER B 70 -13.31 1.25 -10.64
N ILE B 71 -13.21 0.11 -9.98
CA ILE B 71 -14.07 -1.04 -10.28
C ILE B 71 -15.56 -0.68 -10.12
N ILE B 72 -15.88 0.21 -9.18
CA ILE B 72 -17.25 0.63 -8.92
C ILE B 72 -17.63 1.86 -9.76
N PHE B 73 -16.78 2.90 -9.75
CA PHE B 73 -17.16 4.22 -10.28
C PHE B 73 -16.54 4.57 -11.64
N GLY B 74 -15.80 3.64 -12.22
CA GLY B 74 -15.13 3.88 -13.50
C GLY B 74 -16.17 4.24 -14.55
N GLN B 75 -16.00 5.40 -15.17
CA GLN B 75 -16.98 5.92 -16.10
C GLN B 75 -16.91 5.15 -17.42
N HIS B 76 -18.06 4.96 -18.04
CA HIS B 76 -18.10 4.20 -19.28
C HIS B 76 -17.54 5.07 -20.39
N ASP B 77 -16.70 4.47 -21.24
CA ASP B 77 -15.88 5.21 -22.21
C ASP B 77 -14.48 5.49 -21.68
N SER B 78 -14.31 5.48 -20.36
CA SER B 78 -13.00 5.72 -19.74
C SER B 78 -12.20 4.41 -19.79
N PRO B 79 -10.92 4.44 -19.39
CA PRO B 79 -10.16 3.17 -19.44
C PRO B 79 -10.70 2.01 -18.57
N VAL B 80 -11.44 2.33 -17.51
CA VAL B 80 -12.04 1.29 -16.65
C VAL B 80 -13.56 1.36 -16.73
N THR B 81 -14.19 0.25 -17.10
CA THR B 81 -15.65 0.15 -17.13
C THR B 81 -16.22 -0.20 -15.75
N GLY B 82 -16.61 0.80 -14.97
CA GLY B 82 -17.13 0.55 -13.62
C GLY B 82 -18.51 -0.10 -13.57
N ILE B 83 -18.84 -0.69 -12.42
CA ILE B 83 -20.12 -1.37 -12.27
C ILE B 83 -21.28 -0.39 -12.10
N ALA B 84 -21.10 0.56 -11.20
CA ALA B 84 -22.14 1.52 -10.86
C ALA B 84 -21.64 2.96 -11.06
N PRO B 85 -21.44 3.39 -12.32
CA PRO B 85 -20.76 4.66 -12.55
C PRO B 85 -21.56 5.92 -12.18
N GLN B 86 -22.89 5.79 -12.05
CA GLN B 86 -23.79 6.93 -11.81
C GLN B 86 -24.24 7.09 -10.35
N CYS B 87 -23.91 6.12 -9.50
CA CYS B 87 -24.13 6.26 -8.04
C CYS B 87 -23.17 7.26 -7.41
N ARG B 88 -23.56 7.88 -6.30
CA ARG B 88 -22.67 8.69 -5.48
C ARG B 88 -21.63 7.81 -4.79
N GLY B 89 -20.40 8.33 -4.67
CA GLY B 89 -19.37 7.62 -3.92
C GLY B 89 -18.74 8.44 -2.80
N LEU B 90 -18.48 7.79 -1.67
CA LEU B 90 -17.70 8.37 -0.59
C LEU B 90 -16.34 7.68 -0.45
N ILE B 91 -15.28 8.48 -0.38
CA ILE B 91 -13.94 7.95 -0.15
C ILE B 91 -13.59 8.13 1.33
N VAL B 92 -13.43 7.03 2.06
CA VAL B 92 -13.14 7.13 3.48
C VAL B 92 -11.84 6.38 3.84
N PRO B 93 -10.78 7.12 4.15
CA PRO B 93 -9.49 6.50 4.47
C PRO B 93 -9.55 5.63 5.72
N VAL B 94 -8.89 4.47 5.70
CA VAL B 94 -8.88 3.57 6.85
C VAL B 94 -7.49 3.08 7.26
N PHE B 95 -6.51 3.21 6.38
CA PHE B 95 -5.18 2.66 6.65
C PHE B 95 -4.27 3.67 7.34
N ALA B 96 -3.49 3.17 8.28
CA ALA B 96 -2.64 4.02 9.09
C ALA B 96 -1.32 4.34 8.39
N ASP B 97 -0.85 3.42 7.54
CA ASP B 97 0.42 3.59 6.84
C ASP B 97 0.38 2.91 5.47
N GLU B 98 1.55 2.65 4.89
CA GLU B 98 1.64 2.22 3.49
C GLU B 98 1.34 0.73 3.30
N SER B 99 1.33 -0.04 4.38
CA SER B 99 0.83 -1.40 4.34
C SER B 99 -0.70 -1.40 4.29
N LEU B 100 -1.29 -2.56 4.11
CA LEU B 100 -2.75 -2.64 4.15
C LEU B 100 -3.22 -3.26 5.47
N LYS B 101 -2.46 -2.99 6.54
CA LYS B 101 -2.80 -3.46 7.88
C LYS B 101 -3.95 -2.62 8.41
N LEU B 102 -5.00 -3.31 8.85
CA LEU B 102 -6.24 -2.69 9.26
C LEU B 102 -6.35 -2.63 10.79
N SER B 103 -6.49 -1.42 11.32
CA SER B 103 -6.84 -1.24 12.72
C SER B 103 -8.36 -1.38 12.92
N GLN B 104 -8.71 -2.26 13.84
CA GLN B 104 -10.08 -2.52 14.30
C GLN B 104 -10.82 -1.22 14.59
N LEU B 105 -10.15 -0.37 15.38
CA LEU B 105 -10.70 0.89 15.85
C LEU B 105 -10.93 1.90 14.73
N ASP B 106 -9.91 2.12 13.89
CA ASP B 106 -10.01 3.04 12.76
C ASP B 106 -11.14 2.65 11.80
N LEU B 107 -11.21 1.36 11.48
CA LEU B 107 -12.30 0.86 10.66
C LEU B 107 -13.64 1.21 11.27
N SER B 108 -13.74 1.07 12.60
CA SER B 108 -15.00 1.33 13.27
C SER B 108 -15.39 2.80 13.10
N ARG B 109 -14.43 3.70 13.26
CA ARG B 109 -14.68 5.14 13.07
C ARG B 109 -15.10 5.48 11.65
N ALA B 110 -14.45 4.86 10.67
CA ALA B 110 -14.76 5.10 9.26
C ALA B 110 -16.16 4.62 8.89
N ILE B 111 -16.58 3.46 9.41
CA ILE B 111 -17.95 2.93 9.16
C ILE B 111 -19.01 3.92 9.65
N GLU B 112 -18.87 4.36 10.90
CA GLU B 112 -19.75 5.39 11.45
C GLU B 112 -19.83 6.63 10.55
N GLN B 113 -18.67 7.14 10.17
CA GLN B 113 -18.55 8.29 9.27
C GLN B 113 -19.35 8.07 7.98
N ALA B 114 -19.27 6.87 7.42
CA ALA B 114 -19.97 6.54 6.20
C ALA B 114 -21.49 6.48 6.40
N VAL B 115 -21.91 5.97 7.55
CA VAL B 115 -23.34 5.87 7.86
C VAL B 115 -23.90 7.27 8.04
N ASN B 116 -23.22 8.08 8.86
CA ASN B 116 -23.62 9.47 9.09
C ASN B 116 -23.65 10.32 7.83
N ASN B 117 -22.80 9.99 6.85
CA ASN B 117 -22.76 10.79 5.64
C ASN B 117 -23.68 10.29 4.54
N GLY B 118 -24.44 9.24 4.85
CA GLY B 118 -25.52 8.77 3.98
C GLY B 118 -25.22 7.58 3.10
N ALA B 119 -24.30 6.72 3.51
CA ALA B 119 -23.95 5.56 2.69
C ALA B 119 -24.99 4.44 2.80
N ASN B 120 -25.35 3.89 1.64
CA ASN B 120 -26.26 2.75 1.56
C ASN B 120 -25.51 1.43 1.57
N ILE B 121 -24.35 1.43 0.90
CA ILE B 121 -23.44 0.29 0.88
C ILE B 121 -22.05 0.73 1.33
N ILE B 122 -21.41 -0.10 2.12
CA ILE B 122 -20.06 0.15 2.57
C ILE B 122 -19.15 -0.98 2.10
N ASN B 123 -18.20 -0.62 1.23
CA ASN B 123 -17.24 -1.57 0.69
C ASN B 123 -15.96 -1.57 1.50
N VAL B 124 -15.65 -2.71 2.13
CA VAL B 124 -14.41 -2.88 2.88
C VAL B 124 -13.55 -3.98 2.27
N SER B 125 -12.62 -3.57 1.40
CA SER B 125 -11.76 -4.52 0.70
C SER B 125 -10.51 -4.76 1.53
N ALA B 126 -10.73 -5.07 2.80
CA ALA B 126 -9.67 -5.28 3.78
C ALA B 126 -10.20 -6.15 4.91
N GLY B 127 -9.28 -6.72 5.68
CA GLY B 127 -9.64 -7.48 6.87
C GLY B 127 -8.48 -7.63 7.82
N GLN B 128 -8.78 -8.03 9.05
CA GLN B 128 -7.74 -8.39 10.02
C GLN B 128 -7.95 -9.85 10.43
N LEU B 129 -6.87 -10.64 10.37
CA LEU B 129 -6.95 -12.06 10.71
C LEU B 129 -7.28 -12.23 12.20
N THR B 130 -8.28 -13.08 12.48
CA THR B 130 -8.65 -13.45 13.86
C THR B 130 -8.82 -14.96 13.95
N ASP B 131 -8.50 -15.53 15.11
CA ASP B 131 -8.45 -16.99 15.27
C ASP B 131 -9.82 -17.68 15.36
N ALA B 132 -10.82 -16.98 15.90
CA ALA B 132 -12.18 -17.53 16.01
C ALA B 132 -13.23 -16.66 15.32
N GLY B 133 -12.82 -15.49 14.83
CA GLY B 133 -13.71 -14.60 14.08
C GLY B 133 -14.31 -13.46 14.88
N GLU B 134 -13.70 -13.16 16.01
CA GLU B 134 -14.24 -12.20 16.98
C GLU B 134 -13.68 -10.79 16.77
N ALA B 135 -14.52 -9.80 17.05
CA ALA B 135 -14.17 -8.41 16.82
C ALA B 135 -13.85 -7.67 18.11
N ASP B 136 -13.24 -6.50 17.97
CA ASP B 136 -13.23 -5.48 18.99
C ASP B 136 -14.67 -5.02 19.18
N THR B 137 -15.01 -4.55 20.38
CA THR B 137 -16.38 -4.14 20.68
C THR B 137 -16.85 -2.89 19.93
N TRP B 138 -15.96 -1.93 19.70
CA TRP B 138 -16.32 -0.73 18.93
C TRP B 138 -16.69 -1.06 17.48
N LEU B 139 -16.05 -2.07 16.91
CA LEU B 139 -16.35 -2.50 15.54
C LEU B 139 -17.66 -3.30 15.44
N GLU B 140 -17.98 -4.04 16.51
CA GLU B 140 -19.29 -4.67 16.63
C GLU B 140 -20.40 -3.61 16.68
N LYS B 141 -20.19 -2.58 17.50
CA LYS B 141 -21.10 -1.44 17.56
C LYS B 141 -21.22 -0.72 16.22
N ALA B 142 -20.16 -0.76 15.42
CA ALA B 142 -20.19 -0.14 14.09
C ALA B 142 -21.09 -0.95 13.15
N ILE B 143 -21.05 -2.28 13.26
CA ILE B 143 -21.91 -3.15 12.46
C ILE B 143 -23.39 -2.99 12.85
N GLN B 144 -23.63 -2.82 14.16
CA GLN B 144 -24.98 -2.60 14.70
C GLN B 144 -25.61 -1.32 14.15
N LEU B 145 -24.82 -0.25 14.11
CA LEU B 145 -25.24 1.03 13.52
C LEU B 145 -25.69 0.87 12.06
N CYS B 146 -24.98 0.02 11.32
CA CYS B 146 -25.36 -0.31 9.96
C CYS B 146 -26.68 -1.04 9.94
N GLN B 147 -26.82 -2.01 10.83
CA GLN B 147 -28.08 -2.76 10.99
C GLN B 147 -29.22 -1.78 11.24
N GLU B 148 -29.05 -0.90 12.22
CA GLU B 148 -30.06 0.09 12.61
C GLU B 148 -30.45 1.04 11.48
N ASN B 149 -29.51 1.36 10.58
CA ASN B 149 -29.80 2.28 9.48
C ASN B 149 -29.97 1.61 8.13
N ASN B 150 -30.06 0.27 8.15
CA ASN B 150 -30.21 -0.52 6.93
C ASN B 150 -29.12 -0.17 5.90
N VAL B 151 -27.88 -0.36 6.32
CA VAL B 151 -26.68 -0.01 5.54
C VAL B 151 -25.91 -1.29 5.31
N LEU B 152 -25.75 -1.69 4.05
CA LEU B 152 -25.12 -2.96 3.72
C LEU B 152 -23.57 -2.89 3.68
N LEU B 153 -22.92 -3.60 4.60
CA LEU B 153 -21.47 -3.69 4.60
C LEU B 153 -21.02 -4.93 3.83
N ILE B 154 -20.04 -4.75 2.96
CA ILE B 154 -19.52 -5.82 2.10
C ILE B 154 -17.99 -5.90 2.25
N ALA B 155 -17.48 -7.09 2.55
CA ALA B 155 -16.10 -7.23 2.97
C ALA B 155 -15.43 -8.48 2.40
N ALA B 156 -14.13 -8.36 2.14
CA ALA B 156 -13.31 -9.44 1.56
C ALA B 156 -12.98 -10.50 2.62
N THR B 157 -12.95 -11.77 2.21
CA THR B 157 -12.70 -12.86 3.13
C THR B 157 -11.23 -12.99 3.48
N GLY B 158 -10.37 -12.52 2.57
CA GLY B 158 -8.92 -12.56 2.79
C GLY B 158 -8.24 -13.49 1.82
N ASN B 159 -6.91 -13.42 1.79
CA ASN B 159 -6.13 -14.09 0.74
C ASN B 159 -5.16 -15.20 1.27
N ASP B 160 -5.45 -15.75 2.45
CA ASP B 160 -4.54 -16.70 3.12
C ASP B 160 -4.62 -18.15 2.63
N GLY B 161 -5.66 -18.48 1.88
CA GLY B 161 -5.80 -19.81 1.29
C GLY B 161 -6.16 -20.93 2.25
N CYS B 162 -6.63 -20.57 3.44
CA CYS B 162 -7.06 -21.53 4.45
C CYS B 162 -8.52 -21.26 4.90
N GLU B 163 -9.04 -22.15 5.73
CA GLU B 163 -10.25 -21.88 6.48
C GLU B 163 -9.89 -20.92 7.60
N CYS B 164 -9.83 -19.64 7.27
CA CYS B 164 -9.32 -18.60 8.17
C CYS B 164 -10.28 -17.43 8.20
N LEU B 165 -10.37 -16.74 9.33
CA LEU B 165 -11.42 -15.73 9.51
C LEU B 165 -10.93 -14.29 9.68
N HIS B 166 -11.30 -13.46 8.69
CA HIS B 166 -11.02 -12.04 8.73
C HIS B 166 -12.21 -11.26 9.25
N VAL B 167 -11.91 -10.30 10.11
CA VAL B 167 -12.89 -9.33 10.56
C VAL B 167 -12.67 -8.08 9.68
N PRO B 168 -13.74 -7.41 9.23
CA PRO B 168 -15.18 -7.50 9.53
C PRO B 168 -16.00 -8.50 8.70
N ALA B 169 -15.39 -9.18 7.75
CA ALA B 169 -16.13 -10.07 6.83
C ALA B 169 -16.82 -11.26 7.52
N SER B 170 -16.32 -11.67 8.68
CA SER B 170 -16.83 -12.84 9.38
C SER B 170 -18.02 -12.51 10.27
N LEU B 171 -18.13 -11.23 10.64
CA LEU B 171 -19.14 -10.73 11.57
C LEU B 171 -20.58 -10.91 11.08
N PRO B 172 -21.53 -11.13 12.02
CA PRO B 172 -22.96 -11.27 11.68
C PRO B 172 -23.50 -10.06 10.92
N THR B 173 -24.30 -10.36 9.90
CA THR B 173 -24.97 -9.37 9.02
C THR B 173 -24.09 -8.71 7.96
N VAL B 174 -22.79 -9.02 7.97
CA VAL B 174 -21.88 -8.54 6.95
C VAL B 174 -21.96 -9.49 5.75
N LEU B 175 -22.06 -8.93 4.55
CA LEU B 175 -21.90 -9.74 3.35
C LEU B 175 -20.42 -9.94 3.09
N ALA B 176 -20.01 -11.21 3.00
CA ALA B 176 -18.61 -11.61 2.82
C ALA B 176 -18.38 -11.96 1.37
N VAL B 177 -17.19 -11.63 0.86
CA VAL B 177 -16.89 -11.89 -0.56
C VAL B 177 -15.54 -12.57 -0.73
N GLY B 178 -15.58 -13.67 -1.49
CA GLY B 178 -14.40 -14.44 -1.84
C GLY B 178 -14.27 -14.44 -3.35
N ALA B 179 -13.13 -14.95 -3.84
CA ALA B 179 -12.80 -14.88 -5.24
C ALA B 179 -13.04 -16.19 -6.01
N MET B 180 -13.52 -16.06 -7.24
CA MET B 180 -13.59 -17.15 -8.21
C MET B 180 -12.82 -16.77 -9.47
N ASP B 181 -12.25 -17.75 -10.16
CA ASP B 181 -11.62 -17.50 -11.45
C ASP B 181 -12.69 -17.35 -12.52
N ASP B 182 -12.26 -17.12 -13.76
CA ASP B 182 -13.19 -16.91 -14.87
C ASP B 182 -13.91 -18.18 -15.39
N GLN B 183 -13.47 -19.37 -14.96
CA GLN B 183 -14.23 -20.60 -15.24
C GLN B 183 -15.46 -20.71 -14.35
N GLY B 184 -15.28 -20.35 -13.08
CA GLY B 184 -16.33 -20.50 -12.07
C GLY B 184 -15.81 -21.26 -10.86
N LYS B 185 -14.60 -21.77 -10.99
CA LYS B 185 -13.91 -22.50 -9.93
C LYS B 185 -13.43 -21.49 -8.88
N PRO B 186 -13.50 -21.85 -7.58
CA PRO B 186 -12.92 -20.97 -6.54
C PRO B 186 -11.38 -20.99 -6.58
N VAL B 187 -10.76 -19.84 -6.34
CA VAL B 187 -9.30 -19.75 -6.38
C VAL B 187 -8.72 -20.11 -5.02
N ASP B 188 -7.52 -20.68 -5.02
CA ASP B 188 -6.95 -21.26 -3.81
C ASP B 188 -6.75 -20.29 -2.65
N PHE B 189 -6.31 -19.06 -2.96
CA PHE B 189 -6.02 -18.09 -1.90
C PHE B 189 -7.26 -17.52 -1.19
N SER B 190 -8.43 -17.70 -1.77
CA SER B 190 -9.67 -17.17 -1.21
C SER B 190 -10.10 -17.88 0.09
N ASN B 191 -9.94 -17.21 1.23
CA ASN B 191 -10.34 -17.77 2.51
C ASN B 191 -11.77 -18.27 2.54
N TRP B 192 -11.99 -19.35 3.29
CA TRP B 192 -13.33 -19.85 3.54
C TRP B 192 -13.42 -20.21 5.01
N GLY B 193 -14.57 -20.71 5.46
CA GLY B 193 -14.79 -20.91 6.88
C GLY B 193 -16.26 -20.88 7.22
N ASP B 194 -16.59 -21.47 8.37
CA ASP B 194 -17.97 -21.62 8.79
C ASP B 194 -18.70 -20.29 8.95
N ALA B 195 -18.02 -19.31 9.56
CA ALA B 195 -18.58 -17.97 9.74
C ALA B 195 -18.92 -17.26 8.40
N TYR B 196 -18.29 -17.70 7.31
CA TYR B 196 -18.54 -17.17 5.97
C TYR B 196 -19.67 -17.86 5.22
N GLN B 197 -19.80 -19.19 5.40
CA GLN B 197 -20.72 -20.04 4.60
C GLN B 197 -22.09 -19.43 4.29
N LYS B 198 -22.83 -19.09 5.35
CA LYS B 198 -24.19 -18.55 5.22
C LYS B 198 -24.22 -17.06 4.83
N GLN B 199 -23.08 -16.39 4.98
CA GLN B 199 -22.97 -14.94 4.79
C GLN B 199 -22.20 -14.52 3.54
N GLY B 200 -21.72 -15.49 2.76
CA GLY B 200 -20.69 -15.20 1.78
C GLY B 200 -20.95 -15.66 0.37
N ILE B 201 -20.41 -14.90 -0.57
CA ILE B 201 -20.62 -15.11 -2.01
C ILE B 201 -19.25 -15.04 -2.68
N LEU B 202 -19.12 -15.64 -3.87
CA LEU B 202 -17.89 -15.53 -4.65
C LEU B 202 -18.12 -14.63 -5.87
N ALA B 203 -17.16 -13.74 -6.12
CA ALA B 203 -17.23 -12.85 -7.27
C ALA B 203 -15.91 -12.93 -8.04
N PRO B 204 -15.86 -12.43 -9.28
CA PRO B 204 -14.59 -12.58 -10.01
C PRO B 204 -13.43 -11.86 -9.29
N GLY B 205 -12.33 -12.59 -9.06
CA GLY B 205 -11.19 -12.05 -8.33
C GLY B 205 -9.81 -12.31 -8.93
N LYS B 206 -9.79 -12.67 -10.22
CA LYS B 206 -8.54 -12.88 -10.94
C LYS B 206 -8.42 -11.87 -12.07
N ASP B 207 -7.25 -11.23 -12.14
CA ASP B 207 -6.89 -10.32 -13.23
C ASP B 207 -7.95 -9.23 -13.52
N ILE B 208 -8.45 -8.64 -12.44
CA ILE B 208 -9.46 -7.59 -12.55
C ILE B 208 -8.83 -6.24 -12.91
N LEU B 209 -9.26 -5.69 -14.04
CA LEU B 209 -8.84 -4.37 -14.51
C LEU B 209 -9.28 -3.26 -13.57
N GLY B 210 -8.38 -2.34 -13.26
CA GLY B 210 -8.72 -1.15 -12.48
C GLY B 210 -7.68 -0.07 -12.67
N ALA B 211 -7.99 1.14 -12.21
CA ALA B 211 -7.09 2.28 -12.40
C ALA B 211 -5.87 2.21 -11.47
N LYS B 212 -4.68 2.57 -11.99
CA LYS B 212 -3.54 2.77 -11.10
C LYS B 212 -3.22 4.30 -11.00
N PRO B 213 -2.75 4.75 -9.82
CA PRO B 213 -2.49 6.19 -9.66
C PRO B 213 -1.60 6.80 -10.75
N ASN B 214 -1.85 8.07 -11.05
CA ASN B 214 -1.13 8.82 -12.09
C ASN B 214 -1.42 8.37 -13.52
N GLY B 215 -2.50 7.63 -13.74
CA GLY B 215 -3.00 7.53 -15.11
C GLY B 215 -3.18 6.22 -15.83
N GLY B 216 -2.53 5.16 -15.37
CA GLY B 216 -2.67 3.89 -16.10
C GLY B 216 -3.83 2.98 -15.65
N THR B 217 -3.79 1.74 -16.11
CA THR B 217 -4.65 0.69 -15.59
C THR B 217 -3.79 -0.52 -15.26
N ILE B 218 -4.25 -1.36 -14.33
CA ILE B 218 -3.55 -2.61 -14.02
C ILE B 218 -4.56 -3.71 -13.65
N ARG B 219 -4.23 -4.96 -13.98
CA ARG B 219 -5.04 -6.12 -13.64
C ARG B 219 -4.52 -6.74 -12.36
N LEU B 220 -5.37 -6.83 -11.35
CA LEU B 220 -4.93 -7.31 -10.04
C LEU B 220 -5.78 -8.48 -9.59
N SER B 221 -5.27 -9.24 -8.63
CA SER B 221 -5.90 -10.45 -8.14
C SER B 221 -6.02 -10.45 -6.62
N GLY B 222 -7.15 -10.95 -6.13
CA GLY B 222 -7.42 -10.99 -4.69
C GLY B 222 -8.91 -10.83 -4.39
N THR B 223 -9.26 -11.02 -3.12
CA THR B 223 -10.65 -10.89 -2.70
C THR B 223 -10.97 -9.40 -2.57
N SER B 224 -9.91 -8.60 -2.44
CA SER B 224 -9.99 -7.13 -2.48
C SER B 224 -10.72 -6.62 -3.70
N PHE B 225 -10.63 -7.36 -4.79
CA PHE B 225 -11.08 -6.88 -6.08
C PHE B 225 -12.41 -7.51 -6.51
N ALA B 226 -12.79 -8.61 -5.85
CA ALA B 226 -14.10 -9.21 -6.01
C ALA B 226 -15.14 -8.48 -5.16
N THR B 227 -14.71 -8.01 -3.99
CA THR B 227 -15.59 -7.25 -3.11
C THR B 227 -16.28 -6.07 -3.80
N PRO B 228 -15.54 -5.20 -4.50
CA PRO B 228 -16.18 -4.04 -5.16
C PRO B 228 -17.10 -4.40 -6.34
N ILE B 229 -16.94 -5.60 -6.88
CA ILE B 229 -17.83 -6.08 -7.92
C ILE B 229 -19.20 -6.38 -7.31
N VAL B 230 -19.20 -6.95 -6.11
CA VAL B 230 -20.43 -7.20 -5.37
C VAL B 230 -21.06 -5.87 -4.92
N SER B 231 -20.24 -4.97 -4.39
CA SER B 231 -20.71 -3.62 -4.01
C SER B 231 -21.37 -2.91 -5.18
N GLY B 232 -20.76 -2.99 -6.36
CA GLY B 232 -21.28 -2.37 -7.56
C GLY B 232 -22.61 -2.96 -8.00
N VAL B 233 -22.70 -4.29 -7.96
CA VAL B 233 -23.93 -5.00 -8.30
C VAL B 233 -25.04 -4.63 -7.30
N ALA B 234 -24.72 -4.71 -6.01
CA ALA B 234 -25.66 -4.33 -4.95
C ALA B 234 -26.24 -2.93 -5.15
N ALA B 235 -25.38 -1.98 -5.53
CA ALA B 235 -25.80 -0.60 -5.74
C ALA B 235 -26.73 -0.48 -6.94
N LEU B 236 -26.44 -1.24 -8.01
CA LEU B 236 -27.29 -1.22 -9.20
C LEU B 236 -28.69 -1.76 -8.90
N LEU B 237 -28.77 -2.82 -8.09
CA LEU B 237 -30.05 -3.41 -7.70
C LEU B 237 -30.89 -2.42 -6.90
N LEU B 238 -30.24 -1.67 -6.02
CA LEU B 238 -30.89 -0.58 -5.30
C LEU B 238 -31.41 0.50 -6.25
N SER B 239 -30.63 0.81 -7.28
CA SER B 239 -31.05 1.76 -8.31
C SER B 239 -32.23 1.21 -9.09
N LEU B 240 -32.26 -0.11 -9.26
CA LEU B 240 -33.35 -0.78 -9.95
C LEU B 240 -34.64 -0.70 -9.15
N GLN B 241 -34.54 -0.94 -7.84
CA GLN B 241 -35.64 -0.75 -6.91
C GLN B 241 -36.26 0.65 -7.07
N ILE B 242 -35.41 1.69 -7.00
CA ILE B 242 -35.87 3.06 -7.22
C ILE B 242 -36.60 3.16 -8.56
N LYS B 243 -35.93 2.72 -9.62
CA LYS B 243 -36.47 2.81 -10.97
C LYS B 243 -37.86 2.13 -11.09
N ARG B 244 -38.13 1.20 -10.18
CA ARG B 244 -39.36 0.43 -10.21
C ARG B 244 -40.42 0.94 -9.23
N GLY B 245 -40.16 2.11 -8.64
CA GLY B 245 -41.07 2.67 -7.66
C GLY B 245 -40.98 2.05 -6.27
N GLU B 246 -40.23 0.97 -6.15
CA GLU B 246 -40.01 0.31 -4.85
C GLU B 246 -39.06 1.10 -3.93
N LYS B 247 -39.22 0.90 -2.63
CA LYS B 247 -38.37 1.54 -1.62
C LYS B 247 -37.00 0.87 -1.57
N PRO B 248 -35.90 1.66 -1.60
CA PRO B 248 -34.55 1.09 -1.61
C PRO B 248 -34.22 0.35 -0.32
N ASP B 249 -33.85 -0.94 -0.44
CA ASP B 249 -33.66 -1.81 0.72
C ASP B 249 -32.39 -2.67 0.59
N PRO B 250 -31.27 -2.18 1.16
CA PRO B 250 -29.98 -2.87 1.15
C PRO B 250 -29.99 -4.29 1.76
N GLN B 251 -30.76 -4.49 2.83
CA GLN B 251 -30.86 -5.79 3.51
C GLN B 251 -31.54 -6.82 2.61
N LYS B 252 -32.57 -6.38 1.90
CA LYS B 252 -33.25 -7.22 0.93
C LYS B 252 -32.33 -7.55 -0.25
N VAL B 253 -31.57 -6.56 -0.71
CA VAL B 253 -30.60 -6.77 -1.80
C VAL B 253 -29.54 -7.80 -1.43
N LYS B 254 -29.09 -7.77 -0.17
CA LYS B 254 -28.15 -8.77 0.32
C LYS B 254 -28.73 -10.19 0.27
N ASN B 255 -29.94 -10.37 0.80
CA ASN B 255 -30.57 -11.69 0.83
C ASN B 255 -30.86 -12.18 -0.58
N ALA B 256 -31.21 -11.24 -1.47
CA ALA B 256 -31.38 -11.56 -2.88
C ALA B 256 -30.07 -12.07 -3.51
N LEU B 257 -28.96 -11.44 -3.12
CA LEU B 257 -27.63 -11.88 -3.56
C LEU B 257 -27.25 -13.25 -3.01
N LEU B 258 -27.42 -13.43 -1.70
CA LEU B 258 -27.13 -14.71 -1.04
C LEU B 258 -28.01 -15.87 -1.51
N ALA B 259 -29.31 -15.61 -1.67
CA ALA B 259 -30.29 -16.65 -2.02
C ALA B 259 -30.20 -17.11 -3.48
N SER B 260 -29.70 -16.25 -4.36
CA SER B 260 -29.62 -16.58 -5.79
C SER B 260 -28.24 -17.03 -6.29
N ALA B 261 -27.28 -17.15 -5.38
CA ALA B 261 -25.93 -17.58 -5.74
C ALA B 261 -25.93 -19.04 -6.16
N THR B 262 -25.37 -19.32 -7.33
CA THR B 262 -25.35 -20.69 -7.82
C THR B 262 -24.27 -21.47 -7.07
N PRO B 263 -24.66 -22.54 -6.34
CA PRO B 263 -23.72 -23.29 -5.50
C PRO B 263 -22.75 -24.10 -6.35
N CYS B 264 -21.61 -24.48 -5.78
CA CYS B 264 -20.65 -25.25 -6.56
C CYS B 264 -20.99 -26.74 -6.61
N ASN B 265 -20.62 -27.39 -7.71
CA ASN B 265 -20.72 -28.83 -7.83
C ASN B 265 -19.31 -29.46 -7.77
N PRO B 266 -19.22 -30.81 -7.79
CA PRO B 266 -17.89 -31.43 -7.66
C PRO B 266 -16.95 -31.21 -8.84
N LYS B 267 -17.50 -30.90 -10.01
CA LYS B 267 -16.67 -30.53 -11.16
C LYS B 267 -15.99 -29.18 -10.91
N ASP B 268 -16.66 -28.29 -10.18
CA ASP B 268 -16.13 -26.95 -9.90
C ASP B 268 -15.09 -26.94 -8.74
N THR B 269 -15.06 -27.98 -7.91
CA THR B 269 -14.09 -28.03 -6.79
C THR B 269 -13.97 -29.34 -5.98
N ASP B 270 -12.88 -29.39 -5.23
CA ASP B 270 -12.51 -30.46 -4.31
C ASP B 270 -13.32 -30.36 -3.02
N ASP B 271 -13.45 -29.14 -2.50
CA ASP B 271 -14.10 -28.87 -1.22
C ASP B 271 -15.11 -27.78 -1.46
N GLN B 272 -16.39 -28.15 -1.42
CA GLN B 272 -17.47 -27.26 -1.79
C GLN B 272 -17.69 -26.09 -0.82
N SER B 273 -17.12 -26.17 0.37
CA SER B 273 -17.27 -25.09 1.35
C SER B 273 -16.39 -23.88 1.00
N ARG B 274 -15.52 -24.05 0.01
CA ARG B 274 -14.70 -22.95 -0.50
C ARG B 274 -15.58 -21.93 -1.23
N CYS B 275 -16.72 -22.38 -1.75
CA CYS B 275 -17.62 -21.51 -2.52
C CYS B 275 -18.56 -20.70 -1.66
N LEU B 276 -18.49 -20.91 -0.35
CA LEU B 276 -19.38 -20.26 0.62
C LEU B 276 -20.84 -20.53 0.24
N MET B 277 -21.67 -19.50 0.21
CA MET B 277 -23.06 -19.66 -0.21
C MET B 277 -23.18 -19.82 -1.72
N GLY B 278 -22.04 -19.90 -2.42
CA GLY B 278 -22.06 -20.01 -3.89
C GLY B 278 -21.56 -18.80 -4.64
N LYS B 279 -21.93 -18.71 -5.92
CA LYS B 279 -21.33 -17.79 -6.88
C LYS B 279 -22.31 -16.74 -7.38
N LEU B 280 -21.86 -15.49 -7.41
CA LEU B 280 -22.65 -14.34 -7.83
C LEU B 280 -23.42 -14.61 -9.09
N ASN B 281 -24.75 -14.42 -9.01
CA ASN B 281 -25.63 -14.58 -10.15
C ASN B 281 -26.55 -13.38 -10.29
N ILE B 282 -26.31 -12.58 -11.33
CA ILE B 282 -26.99 -11.29 -11.45
C ILE B 282 -28.45 -11.50 -11.84
N LEU B 283 -28.69 -12.23 -12.93
CA LEU B 283 -30.03 -12.54 -13.43
C LEU B 283 -30.96 -13.12 -12.35
N ASP B 284 -30.47 -14.12 -11.62
CA ASP B 284 -31.25 -14.77 -10.58
C ASP B 284 -31.48 -13.88 -9.38
N ALA B 285 -30.63 -12.86 -9.20
CA ALA B 285 -30.81 -11.89 -8.12
C ALA B 285 -31.85 -10.85 -8.54
N ILE B 286 -31.81 -10.46 -9.81
CA ILE B 286 -32.83 -9.59 -10.39
C ILE B 286 -34.20 -10.24 -10.21
N GLU B 287 -34.27 -11.55 -10.47
CA GLU B 287 -35.49 -12.34 -10.29
C GLU B 287 -35.94 -12.43 -8.82
N HIS B 288 -35.02 -12.80 -7.92
CA HIS B 288 -35.31 -12.97 -6.49
C HIS B 288 -35.76 -11.70 -5.79
N LEU B 289 -35.67 -10.58 -6.50
CA LEU B 289 -35.90 -9.27 -5.91
C LEU B 289 -37.14 -8.58 -6.49
N THR B 290 -37.57 -9.04 -7.67
CA THR B 290 -38.66 -8.37 -8.39
C THR B 290 -39.87 -9.28 -8.64
N GLY B 291 -41.03 -8.84 -8.14
CA GLY B 291 -42.28 -9.59 -8.25
C GLY B 291 -43.43 -8.76 -8.84
#